data_4A1R
#
_entry.id   4A1R
#
_cell.length_a   139.730
_cell.length_b   77.750
_cell.length_c   54.490
_cell.angle_alpha   90.00
_cell.angle_beta   98.31
_cell.angle_gamma   90.00
#
_symmetry.space_group_name_H-M   'C 1 2 1'
#
loop_
_entity.id
_entity.type
_entity.pdbx_description
1 polymer LIP
2 non-polymer 'SODIUM ION'
3 non-polymer 1,2-ETHANEDIOL
4 water water
#
_entity_poly.entity_id   1
_entity_poly.type   'polypeptide(L)'
_entity_poly.pdbx_seq_one_letter_code
;GHAKSVPSRYSLVFDADRQVNAAAGAQPAPIKIRVLLLRSDAEFMDADFFSLQNDAKSVLGNSLLDSDQFFLTPGQTGKK
LGGQSALDARYIGVIAEYQNLDGKTWRISLPLPEPTETNFYKVWQFSPDELEAHIVAGVSGLRPVKKVD
;
_entity_poly.pdbx_strand_id   A,B,C,D
#
loop_
_chem_comp.id
_chem_comp.type
_chem_comp.name
_chem_comp.formula
EDO non-polymer 1,2-ETHANEDIOL 'C2 H6 O2'
NA non-polymer 'SODIUM ION' 'Na 1'
#
# COMPACT_ATOMS: atom_id res chain seq x y z
N SER A 5 7.07 -15.99 -3.82
CA SER A 5 8.41 -15.35 -3.66
C SER A 5 8.56 -14.07 -4.48
N VAL A 6 8.05 -14.08 -5.71
CA VAL A 6 8.04 -12.89 -6.57
C VAL A 6 6.69 -12.76 -7.32
N PRO A 7 5.68 -12.07 -6.73
CA PRO A 7 5.65 -11.42 -5.40
C PRO A 7 5.56 -12.46 -4.26
N SER A 8 5.88 -12.03 -3.05
CA SER A 8 6.16 -12.98 -1.96
C SER A 8 4.94 -13.43 -1.17
N ARG A 9 3.89 -12.62 -1.21
CA ARG A 9 2.67 -12.97 -0.48
C ARG A 9 1.39 -12.77 -1.25
N TYR A 10 0.30 -13.33 -0.73
CA TYR A 10 -1.01 -13.23 -1.40
C TYR A 10 -2.07 -12.93 -0.37
N SER A 11 -3.21 -12.43 -0.83
CA SER A 11 -4.40 -12.42 0.03
C SER A 11 -5.68 -12.44 -0.77
N LEU A 12 -6.72 -12.98 -0.12
CA LEU A 12 -8.04 -13.11 -0.70
C LEU A 12 -9.00 -12.40 0.22
N VAL A 13 -9.89 -11.61 -0.37
CA VAL A 13 -10.88 -10.92 0.42
C VAL A 13 -12.25 -11.52 0.10
N PHE A 14 -12.99 -11.94 1.13
CA PHE A 14 -14.21 -12.74 0.93
C PHE A 14 -15.43 -11.94 1.34
N ASP A 15 -16.44 -12.00 0.47
CA ASP A 15 -17.81 -11.61 0.77
C ASP A 15 -18.67 -12.89 0.69
N ALA A 16 -19.68 -12.99 1.56
CA ALA A 16 -20.66 -14.09 1.51
C ALA A 16 -22.06 -13.49 1.35
N ASP A 17 -22.83 -14.01 0.40
CA ASP A 17 -24.25 -13.64 0.25
C ASP A 17 -24.99 -13.82 1.55
N ARG A 18 -25.90 -12.91 1.84
CA ARG A 18 -26.86 -13.09 2.94
C ARG A 18 -27.56 -14.46 2.97
N GLN A 19 -27.76 -15.06 1.81
CA GLN A 19 -28.48 -16.33 1.71
C GLN A 19 -27.58 -17.53 1.52
N VAL A 20 -26.27 -17.35 1.69
CA VAL A 20 -25.34 -18.43 1.39
C VAL A 20 -25.64 -19.59 2.34
N ASN A 21 -25.59 -20.79 1.79
CA ASN A 21 -25.47 -21.98 2.59
C ASN A 21 -26.66 -22.21 3.50
N ALA A 22 -27.84 -22.07 2.93
CA ALA A 22 -29.08 -22.35 3.62
C ALA A 22 -29.68 -23.55 2.90
N ALA A 23 -29.75 -24.65 3.62
CA ALA A 23 -30.47 -25.83 3.18
C ALA A 23 -31.96 -25.52 2.94
N ALA A 24 -32.65 -26.40 2.22
CA ALA A 24 -34.13 -26.33 2.18
C ALA A 24 -34.71 -26.19 3.61
N GLY A 25 -35.58 -25.19 3.79
CA GLY A 25 -36.20 -24.95 5.09
C GLY A 25 -35.32 -24.47 6.24
N ALA A 26 -34.04 -24.17 5.97
CA ALA A 26 -33.13 -23.76 7.05
C ALA A 26 -32.55 -22.34 6.85
N GLN A 27 -32.09 -21.72 7.95
CA GLN A 27 -31.49 -20.36 7.89
C GLN A 27 -30.10 -20.40 7.28
N PRO A 28 -29.62 -19.25 6.75
CA PRO A 28 -28.23 -19.30 6.25
C PRO A 28 -27.24 -19.54 7.38
N ALA A 29 -26.20 -20.34 7.10
CA ALA A 29 -25.26 -20.78 8.13
C ALA A 29 -23.84 -20.43 7.73
N PRO A 30 -22.99 -20.14 8.71
CA PRO A 30 -21.59 -19.84 8.41
C PRO A 30 -21.02 -20.97 7.58
N ILE A 31 -20.05 -20.66 6.73
CA ILE A 31 -19.49 -21.68 5.87
C ILE A 31 -17.97 -21.71 6.05
N LYS A 32 -17.42 -22.93 6.06
CA LYS A 32 -15.99 -23.15 6.22
C LYS A 32 -15.31 -22.95 4.88
N ILE A 33 -14.28 -22.08 4.88
CA ILE A 33 -13.49 -21.81 3.69
C ILE A 33 -12.10 -22.33 3.91
N ARG A 34 -11.60 -23.13 2.98
CA ARG A 34 -10.18 -23.52 3.05
C ARG A 34 -9.38 -22.89 1.91
N VAL A 35 -8.14 -22.54 2.18
CA VAL A 35 -7.30 -21.91 1.16
C VAL A 35 -6.05 -22.73 1.14
N LEU A 36 -5.71 -23.26 -0.03
CA LEU A 36 -4.58 -24.15 -0.14
C LEU A 36 -3.53 -23.57 -1.10
N LEU A 37 -2.27 -23.59 -0.69
CA LEU A 37 -1.21 -23.22 -1.59
C LEU A 37 -0.73 -24.48 -2.32
N LEU A 38 -0.73 -24.41 -3.65
CA LEU A 38 -0.53 -25.57 -4.49
C LEU A 38 0.60 -25.40 -5.50
N ARG A 39 1.38 -26.48 -5.62
CA ARG A 39 2.39 -26.66 -6.67
C ARG A 39 1.74 -26.80 -8.01
N SER A 40 0.55 -27.41 -8.01
CA SER A 40 -0.23 -27.67 -9.22
C SER A 40 -1.67 -27.93 -8.78
N ASP A 41 -2.63 -27.75 -9.69
CA ASP A 41 -4.04 -27.93 -9.32
C ASP A 41 -4.71 -29.18 -9.87
N ALA A 42 -3.94 -30.06 -10.52
CA ALA A 42 -4.53 -31.22 -11.21
C ALA A 42 -5.22 -32.15 -10.23
N GLU A 43 -4.50 -32.56 -9.18
CA GLU A 43 -5.04 -33.47 -8.19
C GLU A 43 -6.14 -32.82 -7.39
N PHE A 44 -5.97 -31.51 -7.12
CA PHE A 44 -6.97 -30.69 -6.39
C PHE A 44 -8.31 -30.61 -7.10
N MET A 45 -8.28 -30.39 -8.41
CA MET A 45 -9.50 -30.25 -9.20
C MET A 45 -10.15 -31.60 -9.44
N ASP A 46 -9.37 -32.66 -9.27
CA ASP A 46 -9.86 -34.03 -9.52
C ASP A 46 -10.31 -34.76 -8.25
N ALA A 47 -9.76 -34.37 -7.11
CA ALA A 47 -10.06 -35.09 -5.86
C ALA A 47 -11.55 -35.01 -5.47
N ASP A 48 -12.08 -36.03 -4.78
CA ASP A 48 -13.46 -35.86 -4.31
C ASP A 48 -13.57 -35.03 -3.04
N PHE A 49 -14.76 -34.49 -2.77
CA PHE A 49 -14.96 -33.64 -1.60
C PHE A 49 -14.47 -34.27 -0.31
N PHE A 50 -14.87 -35.51 -0.04
CA PHE A 50 -14.49 -36.15 1.23
C PHE A 50 -12.98 -36.23 1.46
N SER A 51 -12.25 -36.68 0.43
CA SER A 51 -10.79 -36.81 0.47
C SER A 51 -10.10 -35.52 0.86
N LEU A 52 -10.45 -34.43 0.18
CA LEU A 52 -9.93 -33.11 0.48
C LEU A 52 -10.30 -32.68 1.90
N GLN A 53 -11.55 -32.91 2.30
CA GLN A 53 -12.00 -32.48 3.62
C GLN A 53 -11.30 -33.26 4.75
N ASN A 54 -11.21 -34.57 4.60
CA ASN A 54 -10.64 -35.41 5.66
C ASN A 54 -9.12 -35.53 5.70
N ASP A 55 -8.48 -35.47 4.54
CA ASP A 55 -7.01 -35.50 4.53
C ASP A 55 -6.42 -35.02 3.22
N ALA A 56 -6.32 -33.70 3.11
CA ALA A 56 -5.89 -33.05 1.88
C ALA A 56 -4.47 -33.47 1.50
N LYS A 57 -3.56 -33.48 2.48
CA LYS A 57 -2.14 -33.83 2.24
C LYS A 57 -1.98 -35.21 1.61
N SER A 58 -2.74 -36.19 2.10
CA SER A 58 -2.71 -37.54 1.57
C SER A 58 -3.15 -37.55 0.12
N VAL A 59 -4.30 -36.95 -0.18
CA VAL A 59 -4.80 -36.97 -1.56
C VAL A 59 -4.00 -36.04 -2.48
N LEU A 60 -3.45 -34.95 -1.95
CA LEU A 60 -2.70 -34.01 -2.82
C LEU A 60 -1.19 -34.25 -2.90
N GLY A 61 -0.63 -34.89 -1.89
CA GLY A 61 0.80 -35.18 -1.83
C GLY A 61 1.68 -33.96 -1.95
N ASN A 62 2.67 -34.08 -2.84
CA ASN A 62 3.67 -33.07 -3.09
C ASN A 62 3.05 -31.82 -3.68
N SER A 63 1.82 -31.94 -4.18
CA SER A 63 1.17 -30.77 -4.77
C SER A 63 0.70 -29.77 -3.72
N LEU A 64 0.57 -30.20 -2.48
CA LEU A 64 0.12 -29.30 -1.42
C LEU A 64 1.28 -28.67 -0.65
N LEU A 65 1.43 -27.37 -0.83
CA LEU A 65 2.45 -26.61 -0.12
C LEU A 65 1.98 -26.14 1.23
N ASP A 66 0.78 -25.58 1.31
CA ASP A 66 0.35 -24.94 2.55
C ASP A 66 -1.18 -24.93 2.58
N SER A 67 -1.80 -24.90 3.76
CA SER A 67 -3.27 -24.68 3.85
C SER A 67 -3.73 -23.91 5.09
N ASP A 68 -4.83 -23.18 4.94
CA ASP A 68 -5.38 -22.38 6.03
C ASP A 68 -6.90 -22.40 5.88
N GLN A 69 -7.60 -21.90 6.90
CA GLN A 69 -9.07 -21.99 6.91
C GLN A 69 -9.63 -20.97 7.85
N PHE A 70 -10.90 -20.67 7.64
CA PHE A 70 -11.66 -19.76 8.48
C PHE A 70 -13.12 -20.04 8.16
N PHE A 71 -14.01 -19.44 8.96
CA PHE A 71 -15.45 -19.43 8.69
C PHE A 71 -15.92 -18.05 8.23
N LEU A 72 -16.92 -18.07 7.34
CA LEU A 72 -17.45 -16.86 6.77
C LEU A 72 -18.94 -16.87 7.17
N THR A 73 -19.40 -15.79 7.79
CA THR A 73 -20.82 -15.59 8.17
C THR A 73 -21.67 -15.10 6.97
N PRO A 74 -22.88 -15.65 6.80
CA PRO A 74 -23.75 -15.11 5.74
C PRO A 74 -23.85 -13.59 5.85
N GLY A 75 -23.71 -12.91 4.73
CA GLY A 75 -23.81 -11.44 4.74
C GLY A 75 -22.52 -10.72 5.01
N GLN A 76 -21.50 -11.42 5.50
CA GLN A 76 -20.22 -10.78 5.84
C GLN A 76 -19.48 -10.27 4.59
N THR A 77 -18.90 -9.08 4.67
CA THR A 77 -18.12 -8.53 3.56
C THR A 77 -16.69 -8.18 3.98
N GLY A 78 -15.76 -8.35 3.04
CA GLY A 78 -14.37 -7.88 3.25
C GLY A 78 -13.52 -8.67 4.22
N LYS A 79 -13.81 -9.95 4.38
CA LYS A 79 -13.03 -10.76 5.30
C LYS A 79 -11.80 -11.22 4.56
N LYS A 80 -10.62 -10.92 5.13
CA LYS A 80 -9.35 -11.12 4.45
C LYS A 80 -8.54 -12.28 5.03
N LEU A 81 -8.05 -13.15 4.17
CA LEU A 81 -7.12 -14.15 4.59
C LEU A 81 -5.95 -14.14 3.61
N GLY A 82 -4.74 -14.10 4.15
CA GLY A 82 -3.55 -14.14 3.29
C GLY A 82 -2.41 -14.89 3.92
N GLY A 83 -1.34 -15.08 3.15
CA GLY A 83 -0.17 -15.76 3.67
C GLY A 83 1.00 -15.52 2.72
N GLN A 84 2.10 -16.20 2.99
CA GLN A 84 3.29 -16.13 2.16
C GLN A 84 3.16 -17.14 1.08
N SER A 85 3.58 -16.73 -0.11
CA SER A 85 3.60 -17.64 -1.23
C SER A 85 4.88 -18.45 -1.13
N ALA A 86 5.21 -19.19 -2.16
CA ALA A 86 6.48 -19.93 -2.16
C ALA A 86 6.96 -19.94 -3.58
N LEU A 87 8.24 -20.24 -3.77
CA LEU A 87 8.84 -20.11 -5.08
C LEU A 87 8.08 -20.95 -6.10
N ASP A 88 7.80 -22.19 -5.73
CA ASP A 88 7.15 -23.14 -6.63
C ASP A 88 5.63 -23.19 -6.50
N ALA A 89 5.04 -22.18 -5.87
CA ALA A 89 3.61 -22.10 -5.81
C ALA A 89 3.07 -21.66 -7.16
N ARG A 90 2.12 -22.41 -7.72
CA ARG A 90 1.51 -22.05 -9.02
C ARG A 90 0.00 -21.77 -8.97
N TYR A 91 -0.65 -22.24 -7.91
CA TYR A 91 -2.11 -22.05 -7.79
C TYR A 91 -2.52 -21.84 -6.33
N ILE A 92 -3.55 -21.03 -6.12
CA ILE A 92 -4.31 -20.99 -4.83
C ILE A 92 -5.64 -21.74 -5.03
N GLY A 93 -5.84 -22.83 -4.29
CA GLY A 93 -7.12 -23.57 -4.32
C GLY A 93 -8.03 -23.06 -3.21
N VAL A 94 -9.32 -22.92 -3.49
CA VAL A 94 -10.24 -22.44 -2.46
C VAL A 94 -11.38 -23.46 -2.43
N ILE A 95 -11.75 -23.89 -1.23
CA ILE A 95 -12.82 -24.87 -0.99
C ILE A 95 -13.85 -24.20 -0.06
N ALA A 96 -15.13 -24.34 -0.36
CA ALA A 96 -16.20 -23.79 0.52
C ALA A 96 -17.05 -25.00 0.90
N GLU A 97 -17.15 -25.31 2.19
CA GLU A 97 -17.83 -26.56 2.60
C GLU A 97 -19.35 -26.33 2.77
N TYR A 98 -20.03 -26.09 1.65
CA TYR A 98 -21.48 -25.95 1.65
C TYR A 98 -22.14 -27.20 2.27
N GLN A 99 -23.22 -27.01 3.00
CA GLN A 99 -24.01 -28.18 3.54
C GLN A 99 -24.74 -28.99 2.46
N ASN A 100 -25.03 -28.36 1.34
CA ASN A 100 -25.69 -29.03 0.23
C ASN A 100 -24.81 -28.88 -0.98
N LEU A 101 -23.93 -29.84 -1.17
CA LEU A 101 -22.87 -29.74 -2.16
C LEU A 101 -23.35 -29.78 -3.62
N ASP A 102 -24.43 -30.51 -3.87
CA ASP A 102 -24.90 -30.70 -5.26
C ASP A 102 -25.15 -29.42 -6.01
N GLY A 103 -24.62 -29.35 -7.22
CA GLY A 103 -24.80 -28.16 -8.06
C GLY A 103 -24.14 -26.86 -7.60
N LYS A 104 -23.25 -26.93 -6.61
CA LYS A 104 -22.54 -25.75 -6.12
C LYS A 104 -21.10 -25.77 -6.59
N THR A 105 -20.55 -24.57 -6.86
CA THR A 105 -19.12 -24.47 -7.16
C THR A 105 -18.41 -24.38 -5.81
N TRP A 106 -18.11 -25.55 -5.24
CA TRP A 106 -17.52 -25.61 -3.90
C TRP A 106 -16.02 -25.56 -3.91
N ARG A 107 -15.43 -25.65 -5.11
CA ARG A 107 -13.95 -25.51 -5.26
C ARG A 107 -13.59 -24.61 -6.45
N ILE A 108 -12.59 -23.74 -6.25
CA ILE A 108 -12.01 -22.99 -7.37
C ILE A 108 -10.48 -23.02 -7.26
N SER A 109 -9.81 -22.95 -8.40
CA SER A 109 -8.36 -22.84 -8.49
C SER A 109 -8.00 -21.52 -9.15
N LEU A 110 -7.13 -20.74 -8.51
CA LEU A 110 -6.68 -19.49 -9.08
C LEU A 110 -5.19 -19.60 -9.44
N PRO A 111 -4.85 -19.44 -10.74
CA PRO A 111 -3.46 -19.48 -11.15
C PRO A 111 -2.71 -18.25 -10.63
N LEU A 112 -1.56 -18.51 -10.04
CA LEU A 112 -0.62 -17.48 -9.68
C LEU A 112 0.19 -17.06 -10.91
N PRO A 113 0.68 -15.82 -10.93
CA PRO A 113 1.43 -15.42 -12.12
C PRO A 113 2.71 -16.22 -12.26
N GLU A 114 3.13 -16.43 -13.51
CA GLU A 114 4.42 -17.04 -13.81
C GLU A 114 5.49 -15.95 -14.09
N PRO A 115 6.78 -16.32 -14.08
CA PRO A 115 7.94 -15.50 -14.43
C PRO A 115 7.66 -14.32 -15.39
N THR A 116 7.10 -14.61 -16.57
CA THR A 116 6.75 -13.58 -17.55
C THR A 116 6.03 -12.41 -16.92
N GLU A 117 4.96 -12.72 -16.19
CA GLU A 117 3.99 -11.72 -15.79
C GLU A 117 4.46 -10.89 -14.58
N THR A 118 5.48 -11.37 -13.87
CA THR A 118 6.04 -10.61 -12.73
C THR A 118 7.45 -10.11 -13.05
N ASN A 119 7.76 -10.08 -14.33
CA ASN A 119 9.01 -9.56 -14.83
C ASN A 119 9.32 -8.12 -14.39
N PHE A 120 8.28 -7.30 -14.25
CA PHE A 120 8.43 -5.88 -13.93
C PHE A 120 9.19 -5.56 -12.63
N TYR A 121 9.29 -6.54 -11.74
CA TYR A 121 9.98 -6.35 -10.46
C TYR A 121 11.50 -6.13 -10.51
N LYS A 122 12.21 -6.67 -11.51
CA LYS A 122 13.66 -6.45 -11.58
C LYS A 122 13.98 -4.98 -11.84
N VAL A 123 13.10 -4.30 -12.57
CA VAL A 123 13.23 -2.86 -12.84
C VAL A 123 12.43 -2.03 -11.82
N TRP A 124 11.15 -2.35 -11.65
CA TRP A 124 10.31 -1.69 -10.66
C TRP A 124 10.40 -2.37 -9.31
N GLN A 125 11.58 -2.31 -8.72
CA GLN A 125 11.91 -3.09 -7.52
C GLN A 125 11.04 -2.81 -6.30
N PHE A 126 10.46 -1.62 -6.20
CA PHE A 126 9.74 -1.24 -4.99
C PHE A 126 8.21 -1.29 -5.10
N SER A 127 7.73 -1.95 -6.13
CA SER A 127 6.29 -2.10 -6.37
C SER A 127 5.70 -2.98 -5.27
N PRO A 128 4.39 -2.86 -4.98
CA PRO A 128 3.86 -3.73 -3.89
C PRO A 128 4.01 -5.20 -4.26
N ASP A 129 4.35 -6.06 -3.30
CA ASP A 129 4.52 -7.46 -3.63
C ASP A 129 3.49 -8.34 -2.90
N GLU A 130 2.28 -7.81 -2.77
CA GLU A 130 1.15 -8.62 -2.37
C GLU A 130 0.03 -8.67 -3.43
N LEU A 131 -0.17 -9.86 -3.98
CA LEU A 131 -1.28 -10.14 -4.91
C LEU A 131 -2.58 -10.24 -4.13
N GLU A 132 -3.59 -9.54 -4.63
CA GLU A 132 -4.91 -9.54 -4.03
C GLU A 132 -6.02 -9.96 -5.02
N ALA A 133 -6.83 -10.92 -4.59
CA ALA A 133 -8.04 -11.29 -5.33
C ALA A 133 -9.29 -11.19 -4.43
N HIS A 134 -10.45 -11.05 -5.05
CA HIS A 134 -11.71 -10.92 -4.35
C HIS A 134 -12.60 -12.07 -4.77
N ILE A 135 -13.15 -12.77 -3.77
CA ILE A 135 -13.98 -13.97 -3.97
C ILE A 135 -15.33 -13.76 -3.29
N VAL A 136 -16.39 -14.20 -3.94
CA VAL A 136 -17.68 -14.23 -3.28
C VAL A 136 -18.11 -15.69 -3.05
N ALA A 137 -18.49 -16.00 -1.80
CA ALA A 137 -19.21 -17.26 -1.51
C ALA A 137 -20.71 -17.00 -1.73
N GLY A 138 -21.19 -17.39 -2.90
CA GLY A 138 -22.55 -17.09 -3.27
C GLY A 138 -23.42 -18.32 -3.05
N VAL A 139 -24.72 -18.12 -3.18
CA VAL A 139 -25.69 -19.20 -3.07
C VAL A 139 -25.33 -20.39 -3.97
N SER A 140 -24.85 -20.13 -5.18
CA SER A 140 -24.54 -21.23 -6.08
C SER A 140 -23.08 -21.72 -6.00
N GLY A 141 -22.25 -21.07 -5.18
CA GLY A 141 -20.84 -21.45 -5.15
C GLY A 141 -19.91 -20.25 -5.04
N LEU A 142 -18.63 -20.54 -5.12
CA LEU A 142 -17.60 -19.51 -5.03
C LEU A 142 -17.44 -18.92 -6.42
N ARG A 143 -17.22 -17.61 -6.48
CA ARG A 143 -16.80 -17.02 -7.73
C ARG A 143 -15.87 -15.81 -7.50
N PRO A 144 -14.85 -15.70 -8.33
CA PRO A 144 -14.06 -14.45 -8.28
C PRO A 144 -14.89 -13.24 -8.75
N VAL A 145 -14.57 -12.06 -8.21
CA VAL A 145 -15.20 -10.77 -8.59
C VAL A 145 -14.33 -10.04 -9.62
N LYS A 146 -14.96 -9.38 -10.60
CA LYS A 146 -14.23 -8.67 -11.67
C LYS A 146 -13.55 -7.39 -11.19
N VAL B 6 -2.12 -4.67 -16.78
CA VAL B 6 -0.84 -3.94 -16.52
C VAL B 6 -1.07 -2.59 -15.85
N PRO B 7 -0.48 -2.37 -14.65
CA PRO B 7 -0.62 -1.20 -13.76
C PRO B 7 -0.81 0.16 -14.44
N SER B 8 -1.71 0.98 -13.90
CA SER B 8 -2.03 2.27 -14.52
C SER B 8 -1.05 3.39 -14.14
N ARG B 9 -0.29 3.18 -13.07
CA ARG B 9 0.54 4.25 -12.46
C ARG B 9 1.98 3.80 -12.23
N TYR B 10 2.91 4.77 -12.31
CA TYR B 10 4.33 4.57 -11.98
C TYR B 10 4.74 5.66 -11.02
N SER B 11 5.73 5.38 -10.18
CA SER B 11 6.38 6.41 -9.39
C SER B 11 7.89 6.17 -9.36
N LEU B 12 8.65 7.26 -9.26
CA LEU B 12 10.10 7.16 -9.07
C LEU B 12 10.38 7.90 -7.80
N VAL B 13 11.30 7.37 -7.00
CA VAL B 13 11.68 8.04 -5.79
C VAL B 13 13.20 8.31 -5.90
N PHE B 14 13.60 9.57 -5.68
CA PHE B 14 14.98 9.98 -5.95
C PHE B 14 15.68 10.42 -4.68
N ASP B 15 16.93 10.01 -4.53
CA ASP B 15 17.83 10.71 -3.58
C ASP B 15 18.97 11.31 -4.38
N ALA B 16 19.59 12.35 -3.85
CA ALA B 16 20.81 12.88 -4.47
C ALA B 16 21.97 12.83 -3.44
N ASP B 17 23.15 12.35 -3.87
CA ASP B 17 24.33 12.30 -3.01
C ASP B 17 24.70 13.71 -2.53
N ARG B 18 25.09 13.83 -1.26
CA ARG B 18 25.57 15.08 -0.69
C ARG B 18 26.65 15.75 -1.57
N GLN B 19 27.41 14.95 -2.29
CA GLN B 19 28.52 15.47 -3.12
C GLN B 19 28.12 15.75 -4.57
N VAL B 20 26.85 15.53 -4.94
CA VAL B 20 26.47 15.58 -6.36
C VAL B 20 26.69 16.91 -7.08
N ASN B 21 27.04 16.83 -8.35
CA ASN B 21 26.98 17.95 -9.29
C ASN B 21 27.85 19.14 -8.86
N ALA B 22 29.12 18.89 -8.57
CA ALA B 22 29.98 19.92 -7.97
C ALA B 22 30.81 20.71 -8.97
N ALA B 23 30.60 20.44 -10.26
CA ALA B 23 31.47 20.95 -11.30
C ALA B 23 31.49 22.47 -11.42
N ALA B 24 30.35 23.13 -11.16
CA ALA B 24 30.25 24.58 -11.36
C ALA B 24 31.23 25.42 -10.56
N GLY B 25 31.27 25.22 -9.25
CA GLY B 25 32.21 25.99 -8.41
C GLY B 25 33.00 25.14 -7.40
N ALA B 26 33.25 23.87 -7.73
CA ALA B 26 33.80 22.89 -6.80
C ALA B 26 33.01 22.94 -5.47
N GLN B 27 31.69 22.77 -5.58
CA GLN B 27 30.78 22.73 -4.43
C GLN B 27 29.46 22.09 -4.90
N PRO B 28 28.95 21.11 -4.14
CA PRO B 28 27.74 20.44 -4.64
C PRO B 28 26.59 21.43 -4.94
N ALA B 29 25.89 21.25 -6.06
CA ALA B 29 24.82 22.14 -6.47
C ALA B 29 23.62 21.31 -6.95
N PRO B 30 22.42 21.90 -7.01
CA PRO B 30 21.20 21.17 -7.43
C PRO B 30 21.29 20.67 -8.85
N ILE B 31 20.74 19.49 -9.08
CA ILE B 31 20.77 18.91 -10.40
C ILE B 31 19.33 18.77 -10.94
N LYS B 32 19.15 19.21 -12.19
CA LYS B 32 17.90 18.94 -12.93
C LYS B 32 17.78 17.45 -13.31
N ILE B 33 16.64 16.87 -12.97
CA ILE B 33 16.26 15.54 -13.33
C ILE B 33 15.03 15.68 -14.25
N ARG B 34 15.04 14.96 -15.36
CA ARG B 34 13.86 14.87 -16.24
C ARG B 34 13.34 13.47 -16.28
N VAL B 35 12.03 13.35 -16.26
CA VAL B 35 11.35 12.09 -16.38
C VAL B 35 10.43 12.17 -17.59
N LEU B 36 10.65 11.26 -18.53
CA LEU B 36 9.95 11.29 -19.80
C LEU B 36 9.14 10.00 -19.92
N LEU B 37 7.85 10.15 -20.26
CA LEU B 37 7.04 9.02 -20.73
C LEU B 37 7.24 8.78 -22.24
N LEU B 38 7.70 7.59 -22.60
CA LEU B 38 8.15 7.27 -23.94
C LEU B 38 7.38 6.10 -24.56
N ARG B 39 7.03 6.21 -25.84
CA ARG B 39 6.42 5.10 -26.58
C ARG B 39 7.51 4.14 -27.01
N SER B 40 8.71 4.68 -27.15
CA SER B 40 9.86 3.98 -27.64
C SER B 40 11.07 4.67 -27.04
N ASP B 41 12.18 3.97 -26.91
CA ASP B 41 13.39 4.59 -26.32
C ASP B 41 14.60 4.70 -27.25
N ALA B 42 14.50 4.22 -28.48
CA ALA B 42 15.67 4.16 -29.38
C ALA B 42 16.24 5.55 -29.64
N GLU B 43 15.36 6.49 -30.00
CA GLU B 43 15.69 7.90 -30.22
C GLU B 43 16.18 8.59 -28.93
N PHE B 44 15.56 8.24 -27.79
CA PHE B 44 15.91 8.82 -26.50
C PHE B 44 17.34 8.45 -26.14
N MET B 45 17.73 7.22 -26.48
CA MET B 45 19.04 6.66 -26.18
C MET B 45 20.11 6.93 -27.27
N ASP B 46 19.70 7.53 -28.37
CA ASP B 46 20.62 7.91 -29.45
C ASP B 46 20.99 9.39 -29.40
N ALA B 47 20.00 10.24 -29.09
CA ALA B 47 20.19 11.70 -29.00
C ALA B 47 21.43 12.11 -28.24
N ASP B 48 22.05 13.21 -28.65
CA ASP B 48 23.07 13.80 -27.80
C ASP B 48 22.46 14.65 -26.68
N PHE B 49 23.28 14.91 -25.68
CA PHE B 49 22.83 15.57 -24.47
C PHE B 49 22.30 16.97 -24.74
N PHE B 50 23.02 17.74 -25.55
CA PHE B 50 22.62 19.10 -25.81
C PHE B 50 21.25 19.16 -26.49
N SER B 51 21.01 18.24 -27.43
CA SER B 51 19.75 18.22 -28.17
C SER B 51 18.56 17.82 -27.32
N LEU B 52 18.75 16.85 -26.41
CA LEU B 52 17.71 16.52 -25.43
C LEU B 52 17.45 17.69 -24.54
N GLN B 53 18.53 18.35 -24.10
CA GLN B 53 18.36 19.50 -23.24
C GLN B 53 17.69 20.67 -23.96
N ASN B 54 18.15 20.97 -25.17
CA ASN B 54 17.70 22.15 -25.91
C ASN B 54 16.25 22.06 -26.39
N ASP B 55 15.89 20.93 -26.98
CA ASP B 55 14.54 20.77 -27.52
C ASP B 55 14.24 19.29 -27.65
N ALA B 56 13.87 18.66 -26.53
CA ALA B 56 13.59 17.22 -26.53
C ALA B 56 12.46 16.80 -27.50
N LYS B 57 11.46 17.64 -27.73
CA LYS B 57 10.38 17.24 -28.63
C LYS B 57 10.83 17.17 -30.08
N SER B 58 11.62 18.16 -30.53
CA SER B 58 12.09 18.16 -31.94
C SER B 58 12.97 16.96 -32.24
N VAL B 59 13.58 16.41 -31.20
CA VAL B 59 14.46 15.26 -31.36
C VAL B 59 13.68 13.96 -31.23
N LEU B 60 12.73 13.93 -30.30
CA LEU B 60 12.04 12.68 -29.92
C LEU B 60 10.74 12.45 -30.72
N GLY B 61 10.09 13.54 -31.10
CA GLY B 61 8.90 13.45 -31.95
C GLY B 61 7.71 12.96 -31.15
N ASN B 62 6.89 12.13 -31.80
CA ASN B 62 5.69 11.59 -31.18
C ASN B 62 6.04 10.47 -30.19
N SER B 63 7.28 10.01 -30.26
CA SER B 63 7.82 9.01 -29.33
C SER B 63 7.78 9.53 -27.90
N LEU B 64 7.84 10.86 -27.73
CA LEU B 64 7.70 11.46 -26.43
C LEU B 64 6.23 11.68 -26.10
N LEU B 65 5.71 10.97 -25.08
CA LEU B 65 4.31 11.10 -24.68
C LEU B 65 4.07 12.22 -23.69
N ASP B 66 4.98 12.36 -22.73
CA ASP B 66 4.84 13.35 -21.68
C ASP B 66 6.22 13.54 -21.08
N SER B 67 6.44 14.67 -20.42
CA SER B 67 7.73 14.94 -19.80
C SER B 67 7.55 15.76 -18.55
N ASP B 68 8.36 15.47 -17.56
CA ASP B 68 8.30 16.18 -16.33
C ASP B 68 9.71 16.42 -15.87
N GLN B 69 9.89 17.39 -14.99
CA GLN B 69 11.21 17.67 -14.47
C GLN B 69 11.15 18.31 -13.10
N PHE B 70 12.36 18.52 -12.51
CA PHE B 70 12.54 19.16 -11.20
C PHE B 70 14.00 19.14 -10.83
N PHE B 71 14.34 19.89 -9.79
CA PHE B 71 15.70 19.95 -9.34
C PHE B 71 15.79 19.23 -8.01
N LEU B 72 16.83 18.42 -7.86
CA LEU B 72 17.15 17.77 -6.63
C LEU B 72 18.32 18.50 -6.00
N THR B 73 18.19 18.89 -4.74
CA THR B 73 19.28 19.56 -4.04
C THR B 73 20.20 18.48 -3.46
N PRO B 74 21.52 18.74 -3.34
CA PRO B 74 22.33 17.65 -2.80
C PRO B 74 22.00 17.24 -1.35
N GLY B 75 22.06 15.94 -1.07
CA GLY B 75 21.57 15.38 0.18
C GLY B 75 20.06 15.15 0.25
N GLN B 76 19.30 15.69 -0.70
CA GLN B 76 17.83 15.53 -0.68
C GLN B 76 17.53 14.02 -0.76
N THR B 77 16.50 13.60 -0.03
CA THR B 77 16.15 12.19 0.04
C THR B 77 14.64 12.03 -0.08
N GLY B 78 14.23 11.02 -0.87
CA GLY B 78 12.86 10.54 -0.85
C GLY B 78 11.92 11.43 -1.59
N LYS B 79 12.43 12.10 -2.62
CA LYS B 79 11.58 12.94 -3.44
C LYS B 79 10.91 12.03 -4.46
N LYS B 80 9.57 12.06 -4.46
CA LYS B 80 8.76 11.18 -5.30
C LYS B 80 8.14 11.94 -6.45
N LEU B 81 8.27 11.39 -7.65
CA LEU B 81 7.52 11.89 -8.79
C LEU B 81 6.90 10.73 -9.53
N GLY B 82 5.61 10.85 -9.80
CA GLY B 82 4.87 9.80 -10.50
C GLY B 82 3.76 10.37 -11.37
N GLY B 83 3.00 9.46 -11.97
CA GLY B 83 2.00 9.84 -12.96
C GLY B 83 1.27 8.63 -13.47
N GLN B 84 0.26 8.87 -14.29
CA GLN B 84 -0.47 7.76 -14.92
C GLN B 84 0.35 7.38 -16.12
N SER B 85 0.42 6.09 -16.41
CA SER B 85 1.03 5.66 -17.66
C SER B 85 0.06 5.94 -18.83
N ALA B 86 0.36 5.38 -19.98
CA ALA B 86 -0.57 5.42 -21.08
C ALA B 86 -0.49 4.05 -21.69
N LEU B 87 -1.50 3.73 -22.49
CA LEU B 87 -1.63 2.41 -23.08
C LEU B 87 -0.45 2.08 -23.98
N ASP B 88 0.07 3.10 -24.68
CA ASP B 88 1.21 2.88 -25.60
C ASP B 88 2.59 3.27 -25.03
N ALA B 89 2.62 3.81 -23.82
CA ALA B 89 3.89 4.07 -23.13
C ALA B 89 4.60 2.74 -22.92
N ARG B 90 5.87 2.67 -23.30
CA ARG B 90 6.69 1.45 -23.15
C ARG B 90 7.93 1.65 -22.24
N TYR B 91 8.31 2.90 -22.01
CA TYR B 91 9.54 3.21 -21.28
C TYR B 91 9.43 4.45 -20.45
N ILE B 92 10.20 4.51 -19.37
CA ILE B 92 10.32 5.74 -18.60
C ILE B 92 11.78 6.16 -18.72
N GLY B 93 12.04 7.31 -19.34
CA GLY B 93 13.40 7.80 -19.51
C GLY B 93 13.70 8.76 -18.39
N VAL B 94 14.93 8.70 -17.89
CA VAL B 94 15.38 9.61 -16.88
C VAL B 94 16.69 10.23 -17.35
N ILE B 95 16.74 11.56 -17.28
CA ILE B 95 17.95 12.33 -17.57
C ILE B 95 18.38 13.01 -16.29
N ALA B 96 19.67 12.94 -15.97
CA ALA B 96 20.17 13.85 -14.94
C ALA B 96 21.18 14.81 -15.58
N GLU B 97 20.96 16.10 -15.40
CA GLU B 97 21.74 17.10 -16.16
C GLU B 97 22.99 17.52 -15.38
N TYR B 98 23.96 16.61 -15.34
CA TYR B 98 25.25 16.90 -14.68
C TYR B 98 25.93 18.08 -15.39
N GLN B 99 26.39 19.05 -14.60
CA GLN B 99 27.16 20.22 -15.11
C GLN B 99 28.40 19.81 -15.93
N ASN B 100 29.02 18.71 -15.54
CA ASN B 100 30.13 18.13 -16.28
C ASN B 100 29.87 16.65 -16.54
N LEU B 101 29.65 16.32 -17.80
CA LEU B 101 29.20 14.99 -18.20
C LEU B 101 30.26 13.91 -18.28
N ASP B 102 31.53 14.31 -18.22
CA ASP B 102 32.62 13.35 -18.43
C ASP B 102 32.53 12.26 -17.35
N GLY B 103 32.42 11.01 -17.78
CA GLY B 103 32.34 9.88 -16.85
C GLY B 103 30.99 9.65 -16.17
N LYS B 104 29.94 10.33 -16.65
CA LYS B 104 28.63 10.26 -15.94
C LYS B 104 27.63 9.40 -16.67
N THR B 105 26.90 8.58 -15.92
CA THR B 105 25.68 7.96 -16.44
C THR B 105 24.51 8.93 -16.21
N TRP B 106 24.25 9.72 -17.24
CA TRP B 106 23.31 10.82 -17.13
C TRP B 106 21.94 10.42 -17.65
N ARG B 107 21.82 9.24 -18.23
CA ARG B 107 20.57 8.86 -18.90
C ARG B 107 20.30 7.39 -18.60
N ILE B 108 19.11 7.09 -18.12
CA ILE B 108 18.67 5.68 -17.98
C ILE B 108 17.24 5.47 -18.51
N SER B 109 16.92 4.25 -18.91
CA SER B 109 15.63 3.91 -19.47
C SER B 109 15.08 2.74 -18.69
N LEU B 110 13.84 2.87 -18.22
CA LEU B 110 13.20 1.84 -17.44
C LEU B 110 12.02 1.28 -18.26
N PRO B 111 12.08 0.00 -18.67
CA PRO B 111 10.92 -0.48 -19.45
C PRO B 111 9.68 -0.69 -18.61
N LEU B 112 8.54 -0.31 -19.17
CA LEU B 112 7.26 -0.57 -18.54
C LEU B 112 6.79 -1.99 -18.88
N PRO B 113 5.89 -2.55 -18.06
CA PRO B 113 5.30 -3.87 -18.35
C PRO B 113 4.58 -3.94 -19.71
N GLU B 114 5.00 -4.86 -20.59
CA GLU B 114 4.29 -5.12 -21.85
C GLU B 114 2.95 -5.84 -21.60
N PRO B 115 1.87 -5.36 -22.24
CA PRO B 115 0.52 -5.87 -21.96
C PRO B 115 0.24 -7.27 -22.54
N PHE B 120 -1.62 -11.81 -15.53
CA PHE B 120 -2.18 -12.24 -14.25
C PHE B 120 -3.16 -11.22 -13.68
N TYR B 121 -3.15 -10.01 -14.25
CA TYR B 121 -3.86 -8.89 -13.65
C TYR B 121 -5.40 -8.98 -13.71
N LYS B 122 -5.94 -9.97 -14.39
CA LYS B 122 -7.38 -10.19 -14.30
C LYS B 122 -7.79 -10.89 -13.01
N VAL B 123 -7.03 -11.91 -12.60
CA VAL B 123 -7.36 -12.59 -11.34
C VAL B 123 -6.86 -11.75 -10.15
N TRP B 124 -5.62 -11.29 -10.27
CA TRP B 124 -4.94 -10.57 -9.20
C TRP B 124 -4.84 -9.06 -9.38
N GLN B 125 -4.49 -8.36 -8.30
CA GLN B 125 -4.13 -6.93 -8.35
C GLN B 125 -3.17 -6.57 -7.22
N PHE B 126 -2.54 -5.40 -7.30
CA PHE B 126 -1.67 -4.88 -6.23
C PHE B 126 -2.30 -3.76 -5.43
N SER B 127 -1.98 -3.73 -4.12
CA SER B 127 -2.56 -2.78 -3.14
C SER B 127 -2.67 -1.34 -3.66
N PRO B 128 -1.57 -0.55 -3.62
CA PRO B 128 -1.74 0.50 -4.63
C PRO B 128 -1.35 -0.11 -5.95
N ASP B 129 -2.10 0.22 -6.98
CA ASP B 129 -1.82 -0.22 -8.32
C ASP B 129 -0.87 0.79 -8.95
N GLU B 130 0.40 0.71 -8.54
CA GLU B 130 1.40 1.68 -9.01
C GLU B 130 2.78 1.01 -8.97
N LEU B 131 3.48 1.00 -10.10
CA LEU B 131 4.89 0.57 -10.14
C LEU B 131 5.77 1.60 -9.40
N GLU B 132 6.80 1.14 -8.68
CA GLU B 132 7.71 2.07 -7.99
C GLU B 132 9.17 1.64 -8.19
N ALA B 133 10.05 2.58 -8.60
CA ALA B 133 11.51 2.30 -8.64
C ALA B 133 12.25 3.39 -7.87
N HIS B 134 13.47 3.10 -7.42
CA HIS B 134 14.15 4.04 -6.52
C HIS B 134 15.46 4.33 -7.20
N ILE B 135 15.84 5.61 -7.30
CA ILE B 135 17.01 5.97 -8.06
C ILE B 135 17.84 6.97 -7.23
N VAL B 136 19.14 6.83 -7.25
CA VAL B 136 20.04 7.82 -6.63
C VAL B 136 20.77 8.63 -7.74
N ALA B 137 20.72 9.95 -7.66
CA ALA B 137 21.65 10.78 -8.43
C ALA B 137 22.97 10.86 -7.61
N GLY B 138 23.91 10.00 -7.96
CA GLY B 138 25.20 9.93 -7.26
C GLY B 138 26.21 10.83 -7.93
N VAL B 139 27.42 10.88 -7.36
CA VAL B 139 28.51 11.66 -7.99
C VAL B 139 28.80 11.24 -9.42
N SER B 140 28.87 9.95 -9.68
CA SER B 140 29.15 9.45 -11.02
C SER B 140 27.98 9.20 -11.95
N GLY B 141 26.76 9.50 -11.49
CA GLY B 141 25.61 9.30 -12.37
C GLY B 141 24.42 8.63 -11.70
N LEU B 142 23.41 8.35 -12.53
CA LEU B 142 22.15 7.74 -12.08
C LEU B 142 22.38 6.27 -11.88
N ARG B 143 21.85 5.75 -10.77
CA ARG B 143 21.88 4.35 -10.47
C ARG B 143 20.58 3.94 -9.78
N PRO B 144 19.96 2.86 -10.26
CA PRO B 144 18.75 2.39 -9.58
C PRO B 144 19.13 1.70 -8.27
N VAL B 145 18.21 1.66 -7.31
CA VAL B 145 18.46 1.04 -6.01
C VAL B 145 17.80 -0.34 -5.99
N LYS B 146 18.50 -1.32 -5.42
CA LYS B 146 17.93 -2.67 -5.23
C LYS B 146 17.21 -2.80 -3.88
N LYS B 147 16.01 -3.35 -3.89
CA LYS B 147 15.29 -3.59 -2.62
C LYS B 147 15.96 -4.75 -1.91
N VAL B 148 16.05 -4.63 -0.59
CA VAL B 148 16.64 -5.69 0.22
C VAL B 148 15.54 -6.65 0.67
N ASP B 149 15.62 -7.90 0.21
CA ASP B 149 14.62 -8.93 0.48
C ASP B 149 14.58 -9.28 1.97
N PRO C 7 -10.27 5.04 8.28
CA PRO C 7 -9.87 3.71 8.72
C PRO C 7 -11.02 2.70 8.67
N SER C 8 -11.24 2.13 7.48
CA SER C 8 -12.36 1.23 7.22
C SER C 8 -12.03 -0.25 7.53
N ARG C 9 -10.76 -0.59 7.38
CA ARG C 9 -10.31 -1.98 7.42
C ARG C 9 -9.16 -2.17 8.41
N TYR C 10 -9.03 -3.37 8.94
CA TYR C 10 -7.79 -3.71 9.69
C TYR C 10 -7.26 -5.05 9.19
N SER C 11 -5.96 -5.27 9.37
CA SER C 11 -5.40 -6.59 9.20
C SER C 11 -4.29 -6.91 10.22
N LEU C 12 -4.26 -8.18 10.61
CA LEU C 12 -3.25 -8.71 11.50
C LEU C 12 -2.38 -9.73 10.80
N VAL C 13 -1.07 -9.62 10.97
CA VAL C 13 -0.16 -10.62 10.45
C VAL C 13 0.49 -11.39 11.61
N PHE C 14 0.37 -12.71 11.61
CA PHE C 14 0.87 -13.54 12.73
C PHE C 14 2.07 -14.37 12.34
N ASP C 15 3.01 -14.49 13.28
CA ASP C 15 4.10 -15.43 13.15
C ASP C 15 4.02 -16.24 14.46
N ALA C 16 4.48 -17.48 14.45
CA ALA C 16 4.66 -18.22 15.71
C ALA C 16 6.09 -18.66 15.80
N ASP C 17 6.69 -18.45 16.96
CA ASP C 17 8.05 -18.87 17.16
C ASP C 17 8.23 -20.37 16.82
N ARG C 18 9.41 -20.73 16.31
CA ARG C 18 9.69 -22.15 15.99
C ARG C 18 9.59 -23.04 17.22
N GLN C 19 9.73 -22.46 18.40
CA GLN C 19 9.63 -23.23 19.65
C GLN C 19 8.44 -22.87 20.54
N VAL C 20 7.41 -22.25 19.95
CA VAL C 20 6.21 -21.83 20.70
C VAL C 20 5.52 -23.05 21.37
N ASN C 21 4.93 -22.79 22.54
CA ASN C 21 3.92 -23.63 23.19
C ASN C 21 4.29 -25.08 23.50
N ALA C 22 5.49 -25.29 24.05
CA ALA C 22 6.04 -26.63 24.29
C ALA C 22 6.05 -27.08 25.77
N ALA C 23 6.65 -28.25 26.00
CA ALA C 23 6.79 -28.87 27.32
C ALA C 23 8.26 -29.22 27.61
N ALA C 26 10.33 -31.32 25.43
CA ALA C 26 9.36 -31.78 24.45
C ALA C 26 9.55 -31.11 23.09
N GLN C 27 8.68 -31.46 22.15
CA GLN C 27 8.54 -30.74 20.89
C GLN C 27 7.61 -29.54 21.09
N PRO C 28 7.93 -28.39 20.46
CA PRO C 28 6.96 -27.30 20.29
C PRO C 28 5.65 -27.84 19.75
N ALA C 29 4.53 -27.18 20.08
CA ALA C 29 3.20 -27.61 19.60
C ALA C 29 2.43 -26.44 18.96
N PRO C 30 1.45 -26.76 18.09
CA PRO C 30 0.60 -25.71 17.50
C PRO C 30 -0.21 -24.99 18.54
N ILE C 31 -0.48 -23.71 18.31
CA ILE C 31 -1.17 -22.93 19.30
C ILE C 31 -2.42 -22.30 18.71
N LYS C 32 -3.50 -22.36 19.49
CA LYS C 32 -4.74 -21.65 19.11
C LYS C 32 -4.79 -20.14 19.36
N ILE C 33 -5.02 -19.38 18.29
CA ILE C 33 -5.13 -17.95 18.39
C ILE C 33 -6.61 -17.65 18.26
N ARG C 34 -7.11 -16.73 19.08
CA ARG C 34 -8.43 -16.18 18.82
C ARG C 34 -8.31 -14.71 18.62
N VAL C 35 -9.17 -14.18 17.76
CA VAL C 35 -9.19 -12.77 17.43
C VAL C 35 -10.62 -12.32 17.64
N LEU C 36 -10.81 -11.42 18.60
CA LEU C 36 -12.15 -10.95 18.98
C LEU C 36 -12.36 -9.49 18.61
N LEU C 37 -13.53 -9.18 18.05
CA LEU C 37 -13.88 -7.81 17.74
C LEU C 37 -14.70 -7.30 18.93
N LEU C 38 -14.24 -6.23 19.57
CA LEU C 38 -14.80 -5.77 20.84
C LEU C 38 -15.31 -4.32 20.87
N ARG C 39 -16.38 -4.13 21.64
CA ARG C 39 -16.87 -2.80 22.00
C ARG C 39 -15.96 -2.14 23.02
N SER C 40 -15.55 -2.94 24.00
CA SER C 40 -14.69 -2.48 25.10
C SER C 40 -13.79 -3.60 25.58
N ASP C 41 -12.56 -3.23 25.95
CA ASP C 41 -11.56 -4.19 26.41
C ASP C 41 -11.63 -4.46 27.90
N ALA C 42 -12.63 -3.86 28.55
CA ALA C 42 -12.77 -3.90 30.00
C ALA C 42 -12.83 -5.32 30.52
N GLU C 43 -13.95 -5.99 30.25
CA GLU C 43 -14.17 -7.35 30.70
C GLU C 43 -13.33 -8.38 29.94
N PHE C 44 -12.80 -7.99 28.77
CA PHE C 44 -11.84 -8.83 28.03
C PHE C 44 -10.54 -8.95 28.81
N MET C 45 -9.94 -7.81 29.17
CA MET C 45 -8.75 -7.81 30.00
C MET C 45 -9.08 -8.30 31.41
N ASP C 46 -10.33 -8.11 31.84
CA ASP C 46 -10.77 -8.48 33.18
C ASP C 46 -11.04 -9.96 33.42
N ALA C 47 -11.60 -10.66 32.43
CA ALA C 47 -11.96 -12.08 32.60
C ALA C 47 -10.77 -13.01 32.74
N ASP C 48 -11.01 -14.23 33.24
CA ASP C 48 -9.95 -15.24 33.39
C ASP C 48 -9.89 -16.19 32.20
N PHE C 49 -8.76 -16.86 32.08
CA PHE C 49 -8.45 -17.73 30.94
C PHE C 49 -9.53 -18.76 30.64
N PHE C 50 -9.88 -19.57 31.65
CA PHE C 50 -10.75 -20.72 31.43
C PHE C 50 -12.19 -20.33 31.12
N SER C 51 -12.59 -19.14 31.60
CA SER C 51 -13.89 -18.54 31.29
C SER C 51 -13.93 -18.19 29.83
N LEU C 52 -12.96 -17.40 29.39
CA LEU C 52 -12.87 -17.03 27.99
C LEU C 52 -12.76 -18.28 27.13
N GLN C 53 -11.83 -19.18 27.47
CA GLN C 53 -11.57 -20.38 26.68
C GLN C 53 -12.84 -21.23 26.50
N ASN C 54 -13.64 -21.35 27.55
CA ASN C 54 -14.82 -22.24 27.53
C ASN C 54 -16.06 -21.65 26.82
N ASP C 55 -16.30 -20.35 27.02
CA ASP C 55 -17.52 -19.67 26.55
C ASP C 55 -17.39 -18.15 26.59
N ALA C 56 -16.53 -17.61 25.73
CA ALA C 56 -16.27 -16.16 25.66
C ALA C 56 -17.53 -15.29 25.43
N LYS C 57 -18.48 -15.80 24.67
CA LYS C 57 -19.71 -15.08 24.34
C LYS C 57 -20.51 -14.71 25.59
N SER C 58 -20.90 -15.74 26.35
CA SER C 58 -21.69 -15.56 27.57
C SER C 58 -20.85 -14.91 28.67
N VAL C 59 -19.54 -15.13 28.62
CA VAL C 59 -18.63 -14.45 29.52
C VAL C 59 -18.51 -12.95 29.20
N LEU C 60 -18.69 -12.58 27.93
CA LEU C 60 -18.39 -11.20 27.53
C LEU C 60 -19.60 -10.27 27.36
N GLY C 61 -20.79 -10.83 27.51
CA GLY C 61 -22.03 -10.07 27.34
C GLY C 61 -22.06 -9.36 25.99
N ASN C 62 -22.38 -8.08 26.01
CA ASN C 62 -22.50 -7.26 24.81
C ASN C 62 -21.22 -6.61 24.27
N SER C 63 -20.09 -6.81 24.97
CA SER C 63 -18.84 -6.20 24.53
C SER C 63 -18.29 -6.92 23.30
N LEU C 64 -18.60 -8.22 23.18
CA LEU C 64 -18.08 -9.06 22.12
C LEU C 64 -18.98 -9.04 20.89
N LEU C 65 -18.48 -8.36 19.85
CA LEU C 65 -19.21 -8.20 18.60
C LEU C 65 -19.03 -9.38 17.66
N ASP C 66 -17.81 -9.91 17.61
CA ASP C 66 -17.47 -10.95 16.65
C ASP C 66 -16.17 -11.68 17.01
N SER C 67 -15.94 -12.83 16.39
CA SER C 67 -14.97 -13.83 16.86
C SER C 67 -14.38 -14.71 15.73
N ASP C 68 -13.06 -14.87 15.68
CA ASP C 68 -12.41 -15.84 14.78
C ASP C 68 -11.30 -16.58 15.46
N GLN C 69 -11.10 -17.84 15.12
CA GLN C 69 -10.01 -18.59 15.71
C GLN C 69 -9.28 -19.43 14.68
N PHE C 70 -8.03 -19.77 14.95
CA PHE C 70 -7.21 -20.57 14.06
C PHE C 70 -6.00 -21.11 14.83
N PHE C 71 -5.39 -22.19 14.36
CA PHE C 71 -4.07 -22.59 14.85
C PHE C 71 -2.93 -22.05 14.02
N LEU C 72 -1.88 -21.63 14.73
CA LEU C 72 -0.58 -21.39 14.15
C LEU C 72 0.33 -22.57 14.46
N THR C 73 1.06 -23.06 13.47
CA THR C 73 2.03 -24.13 13.71
C THR C 73 3.35 -23.50 14.16
N PRO C 74 4.21 -24.24 14.87
CA PRO C 74 5.47 -23.58 15.27
C PRO C 74 6.31 -23.19 14.06
N GLY C 75 6.74 -21.93 13.99
CA GLY C 75 7.51 -21.48 12.83
C GLY C 75 6.67 -20.96 11.67
N GLN C 76 5.34 -21.00 11.82
CA GLN C 76 4.42 -20.41 10.83
C GLN C 76 4.66 -18.91 10.71
N THR C 77 4.83 -18.41 9.49
CA THR C 77 5.12 -16.98 9.37
C THR C 77 4.25 -16.29 8.33
N GLY C 78 3.82 -15.09 8.66
CA GLY C 78 3.13 -14.21 7.70
C GLY C 78 1.68 -14.56 7.43
N LYS C 79 1.03 -15.22 8.40
CA LYS C 79 -0.41 -15.51 8.30
C LYS C 79 -1.24 -14.26 8.55
N LYS C 80 -2.04 -13.87 7.55
CA LYS C 80 -2.81 -12.63 7.62
C LYS C 80 -4.29 -12.91 7.78
N LEU C 81 -4.91 -12.20 8.70
CA LEU C 81 -6.36 -12.27 8.89
C LEU C 81 -6.79 -10.85 9.01
N GLY C 82 -7.79 -10.48 8.22
CA GLY C 82 -8.18 -9.08 8.20
C GLY C 82 -9.67 -8.96 8.03
N GLY C 83 -10.18 -7.77 8.26
CA GLY C 83 -11.60 -7.53 8.13
C GLY C 83 -12.00 -6.08 8.19
N GLN C 84 -13.31 -5.85 8.08
CA GLN C 84 -13.90 -4.53 8.21
C GLN C 84 -13.99 -4.19 9.68
N SER C 85 -13.69 -2.95 10.01
CA SER C 85 -13.85 -2.45 11.37
C SER C 85 -15.29 -2.01 11.57
N ALA C 86 -16.01 -2.71 12.44
CA ALA C 86 -17.41 -2.37 12.77
C ALA C 86 -17.52 -0.98 13.37
N LEU C 87 -18.65 -0.32 13.14
CA LEU C 87 -18.89 1.01 13.69
C LEU C 87 -18.73 0.99 15.21
N ASP C 88 -19.39 0.02 15.85
CA ASP C 88 -19.37 -0.15 17.30
C ASP C 88 -18.01 -0.55 17.85
N ALA C 89 -17.26 -1.28 17.03
CA ALA C 89 -15.95 -1.82 17.41
C ALA C 89 -14.96 -0.72 17.82
N ARG C 90 -14.32 -0.93 18.97
CA ARG C 90 -13.28 -0.04 19.43
C ARG C 90 -11.99 -0.80 19.77
N TYR C 91 -12.10 -2.12 19.93
CA TYR C 91 -10.96 -2.94 20.32
C TYR C 91 -10.87 -4.24 19.54
N ILE C 92 -9.65 -4.67 19.30
CA ILE C 92 -9.41 -6.00 18.79
C ILE C 92 -8.72 -6.73 19.88
N GLY C 93 -9.30 -7.82 20.35
CA GLY C 93 -8.64 -8.66 21.34
C GLY C 93 -8.00 -9.89 20.71
N VAL C 94 -6.78 -10.22 21.13
CA VAL C 94 -6.08 -11.42 20.68
C VAL C 94 -5.81 -12.32 21.88
N ILE C 95 -6.14 -13.61 21.76
CA ILE C 95 -5.82 -14.58 22.78
C ILE C 95 -4.96 -15.63 22.14
N ALA C 96 -3.92 -16.06 22.84
CA ALA C 96 -3.13 -17.23 22.43
C ALA C 96 -3.24 -18.26 23.54
N GLU C 97 -3.86 -19.40 23.25
CA GLU C 97 -4.10 -20.45 24.26
C GLU C 97 -2.84 -21.29 24.53
N TYR C 98 -1.88 -20.67 25.23
CA TYR C 98 -0.71 -21.40 25.70
C TYR C 98 -1.13 -22.57 26.61
N GLN C 99 -0.51 -23.71 26.36
CA GLN C 99 -0.77 -24.93 27.10
C GLN C 99 -0.24 -24.84 28.54
N ASN C 100 0.90 -24.14 28.71
CA ASN C 100 1.44 -23.79 30.03
C ASN C 100 1.43 -22.29 30.18
N LEU C 101 0.47 -21.77 30.92
CA LEU C 101 0.32 -20.33 31.02
C LEU C 101 1.37 -19.68 31.91
N ASP C 102 2.23 -20.49 32.53
CA ASP C 102 3.28 -19.99 33.42
C ASP C 102 4.16 -18.93 32.78
N GLY C 103 3.95 -17.70 33.23
CA GLY C 103 4.74 -16.54 32.79
C GLY C 103 4.40 -16.01 31.40
N LYS C 104 3.24 -16.40 30.87
CA LYS C 104 2.92 -16.09 29.48
C LYS C 104 1.98 -14.92 29.36
N THR C 105 2.29 -13.99 28.46
CA THR C 105 1.32 -13.00 28.00
C THR C 105 0.42 -13.71 26.98
N TRP C 106 -0.84 -13.91 27.33
CA TRP C 106 -1.71 -14.72 26.50
C TRP C 106 -2.83 -13.96 25.88
N ARG C 107 -2.91 -12.67 26.21
CA ARG C 107 -3.89 -11.82 25.60
C ARG C 107 -3.32 -10.43 25.39
N ILE C 108 -3.80 -9.75 24.36
CA ILE C 108 -3.44 -8.36 24.10
C ILE C 108 -4.63 -7.67 23.48
N SER C 109 -4.74 -6.37 23.74
CA SER C 109 -5.82 -5.56 23.22
C SER C 109 -5.22 -4.49 22.31
N LEU C 110 -5.72 -4.43 21.07
CA LEU C 110 -5.31 -3.42 20.12
C LEU C 110 -6.45 -2.42 19.92
N PRO C 111 -6.34 -1.24 20.56
CA PRO C 111 -7.38 -0.24 20.40
C PRO C 111 -7.40 0.32 18.98
N LEU C 112 -8.59 0.45 18.42
CA LEU C 112 -8.78 1.05 17.11
C LEU C 112 -8.74 2.58 17.24
N PRO C 113 -8.45 3.29 16.13
CA PRO C 113 -8.38 4.76 16.19
C PRO C 113 -9.66 5.41 16.72
N GLU C 114 -9.49 6.42 17.58
CA GLU C 114 -10.61 7.26 18.03
C GLU C 114 -11.08 8.15 16.86
N PRO C 115 -12.40 8.22 16.60
CA PRO C 115 -12.93 9.21 15.64
C PRO C 115 -12.50 10.64 16.04
N THR C 116 -11.25 10.97 15.72
CA THR C 116 -10.56 12.12 16.28
C THR C 116 -10.22 13.13 15.20
N PHE C 120 -7.60 13.87 10.54
CA PHE C 120 -6.58 14.15 9.53
C PHE C 120 -6.88 13.47 8.20
N TYR C 121 -7.87 12.58 8.20
CA TYR C 121 -8.36 11.95 6.98
C TYR C 121 -9.30 12.89 6.22
N LYS C 122 -9.58 14.05 6.81
CA LYS C 122 -10.40 15.05 6.12
C LYS C 122 -9.60 15.73 5.00
N VAL C 123 -8.33 16.00 5.28
CA VAL C 123 -7.42 16.55 4.27
C VAL C 123 -6.76 15.41 3.48
N TRP C 124 -6.18 14.44 4.20
CA TRP C 124 -5.44 13.34 3.57
C TRP C 124 -6.37 12.21 3.19
N GLN C 125 -7.31 12.58 2.31
CA GLN C 125 -8.46 11.77 1.92
C GLN C 125 -8.11 10.41 1.30
N PHE C 126 -7.06 10.42 0.47
CA PHE C 126 -6.71 9.24 -0.34
C PHE C 126 -5.59 8.38 0.26
N SER C 127 -5.29 8.61 1.56
CA SER C 127 -4.28 7.85 2.29
C SER C 127 -4.78 6.42 2.48
N PRO C 128 -3.88 5.42 2.39
CA PRO C 128 -4.30 4.03 2.44
C PRO C 128 -5.24 3.73 3.62
N ASP C 129 -6.25 2.92 3.33
CA ASP C 129 -7.40 2.79 4.18
C ASP C 129 -7.40 1.45 4.92
N GLU C 130 -6.25 1.03 5.44
CA GLU C 130 -6.17 -0.22 6.19
C GLU C 130 -5.08 -0.23 7.25
N LEU C 131 -5.52 -0.35 8.50
CA LEU C 131 -4.63 -0.56 9.64
C LEU C 131 -3.96 -1.93 9.59
N GLU C 132 -2.67 -1.97 9.87
CA GLU C 132 -1.92 -3.21 9.92
C GLU C 132 -1.11 -3.31 11.20
N ALA C 133 -1.22 -4.47 11.85
CA ALA C 133 -0.41 -4.81 13.04
C ALA C 133 0.21 -6.16 12.82
N HIS C 134 1.41 -6.37 13.34
CA HIS C 134 2.10 -7.64 13.26
C HIS C 134 2.25 -8.19 14.66
N ILE C 135 1.94 -9.47 14.81
CA ILE C 135 1.93 -10.09 16.14
C ILE C 135 2.69 -11.39 16.11
N VAL C 136 3.52 -11.61 17.14
CA VAL C 136 4.24 -12.86 17.28
C VAL C 136 3.68 -13.59 18.49
N ALA C 137 3.33 -14.87 18.30
CA ALA C 137 3.11 -15.78 19.41
C ALA C 137 4.49 -16.32 19.76
N GLY C 138 5.14 -15.67 20.72
CA GLY C 138 6.51 -16.06 21.09
C GLY C 138 6.54 -17.11 22.20
N VAL C 139 7.73 -17.59 22.53
CA VAL C 139 7.86 -18.55 23.64
C VAL C 139 7.19 -18.05 24.93
N SER C 140 7.33 -16.76 25.23
CA SER C 140 6.81 -16.23 26.50
C SER C 140 5.61 -15.31 26.37
N GLY C 141 4.91 -15.39 25.23
CA GLY C 141 3.70 -14.62 25.08
C GLY C 141 3.52 -13.96 23.72
N LEU C 142 2.32 -13.44 23.50
CA LEU C 142 2.05 -12.59 22.34
C LEU C 142 2.80 -11.29 22.47
N ARG C 143 3.47 -10.90 21.41
CA ARG C 143 4.17 -9.64 21.39
CA ARG C 143 4.24 -9.67 21.35
C ARG C 143 3.86 -8.88 20.10
N PRO C 144 3.36 -7.64 20.26
CA PRO C 144 3.20 -6.83 19.06
C PRO C 144 4.58 -6.57 18.53
N VAL C 145 4.73 -6.55 17.21
CA VAL C 145 6.02 -6.24 16.62
C VAL C 145 6.10 -4.74 16.33
N LYS C 146 7.25 -4.16 16.72
CA LYS C 146 7.58 -2.77 16.43
C LYS C 146 8.13 -2.69 15.01
N LYS C 147 7.86 -1.58 14.32
CA LYS C 147 8.38 -1.35 12.97
C LYS C 147 9.92 -1.20 12.89
N VAL C 148 10.56 -0.98 14.04
CA VAL C 148 12.02 -0.84 14.13
C VAL C 148 12.75 -2.18 14.02
N VAL D 6 3.21 11.35 13.02
CA VAL D 6 4.06 10.13 12.96
C VAL D 6 4.48 9.73 11.53
N PRO D 7 3.52 9.75 10.56
CA PRO D 7 3.86 9.17 9.25
C PRO D 7 4.94 9.97 8.56
N SER D 8 5.85 9.27 7.89
CA SER D 8 7.09 9.87 7.43
C SER D 8 7.00 10.55 6.07
N ARG D 9 6.05 10.12 5.24
CA ARG D 9 5.93 10.60 3.86
C ARG D 9 4.55 11.23 3.61
N TYR D 10 4.49 12.09 2.60
CA TYR D 10 3.23 12.64 2.12
C TYR D 10 3.31 12.56 0.62
N SER D 11 2.16 12.67 -0.04
CA SER D 11 2.08 12.57 -1.46
C SER D 11 0.93 13.48 -1.88
N LEU D 12 1.07 14.12 -3.03
CA LEU D 12 0.02 14.94 -3.58
C LEU D 12 -0.13 14.55 -5.01
N VAL D 13 -1.38 14.42 -5.43
CA VAL D 13 -1.70 14.06 -6.78
C VAL D 13 -2.59 15.14 -7.42
N PHE D 14 -2.17 15.62 -8.58
CA PHE D 14 -2.79 16.79 -9.22
C PHE D 14 -3.42 16.44 -10.56
N ASP D 15 -4.61 16.99 -10.79
CA ASP D 15 -5.24 17.04 -12.10
C ASP D 15 -5.42 18.51 -12.46
N ALA D 16 -5.42 18.82 -13.75
CA ALA D 16 -5.70 20.19 -14.20
C ALA D 16 -6.85 20.20 -15.20
N ASP D 17 -7.88 21.01 -14.94
CA ASP D 17 -9.01 21.10 -15.89
C ASP D 17 -8.51 21.67 -17.21
N ARG D 18 -9.12 21.22 -18.31
CA ARG D 18 -8.71 21.64 -19.66
C ARG D 18 -8.56 23.16 -19.89
N GLN D 19 -9.19 23.98 -19.05
CA GLN D 19 -9.16 25.44 -19.23
C GLN D 19 -8.40 26.20 -18.13
N VAL D 20 -7.66 25.49 -17.29
CA VAL D 20 -6.97 26.14 -16.15
C VAL D 20 -6.11 27.34 -16.58
N ASN D 21 -5.92 28.28 -15.65
CA ASN D 21 -5.13 29.53 -15.84
C ASN D 21 -5.13 30.09 -17.27
N ALA D 22 -6.33 30.37 -17.77
CA ALA D 22 -6.54 30.90 -19.11
C ALA D 22 -7.16 32.31 -19.09
N ALA D 23 -6.75 33.15 -20.04
CA ALA D 23 -7.21 34.54 -20.13
C ALA D 23 -8.61 34.67 -20.71
N PRO D 28 -5.08 27.35 -23.15
CA PRO D 28 -4.78 27.64 -21.74
C PRO D 28 -3.33 27.37 -21.32
N ALA D 29 -2.88 28.08 -20.29
CA ALA D 29 -1.47 28.06 -19.88
C ALA D 29 -1.19 27.10 -18.72
N PRO D 30 -0.09 26.34 -18.81
CA PRO D 30 0.39 25.55 -17.67
C PRO D 30 0.51 26.39 -16.39
N ILE D 31 0.50 25.76 -15.22
CA ILE D 31 0.58 26.53 -14.00
C ILE D 31 1.65 25.99 -13.04
N LYS D 32 2.44 26.90 -12.49
CA LYS D 32 3.48 26.54 -11.52
C LYS D 32 2.87 26.22 -10.16
N ILE D 33 3.18 25.06 -9.60
CA ILE D 33 2.66 24.70 -8.29
C ILE D 33 3.79 24.38 -7.32
N ARG D 34 3.81 25.08 -6.18
CA ARG D 34 4.86 24.85 -5.21
C ARG D 34 4.31 24.10 -4.02
N VAL D 35 5.18 23.34 -3.35
CA VAL D 35 4.76 22.55 -2.20
C VAL D 35 5.72 22.85 -1.06
N LEU D 36 5.19 23.36 0.05
CA LEU D 36 6.03 23.93 1.05
C LEU D 36 5.83 23.18 2.34
N LEU D 37 6.93 22.68 2.87
CA LEU D 37 6.90 21.97 4.14
C LEU D 37 6.97 23.04 5.22
N LEU D 38 5.92 23.13 6.04
CA LEU D 38 5.77 24.27 6.93
C LEU D 38 5.68 23.92 8.41
N ARG D 39 6.30 24.77 9.22
CA ARG D 39 6.23 24.71 10.68
C ARG D 39 4.93 25.40 11.08
N SER D 40 4.72 26.59 10.53
CA SER D 40 3.48 27.31 10.71
C SER D 40 2.97 27.72 9.34
N ASP D 41 1.66 27.91 9.22
CA ASP D 41 1.07 28.39 7.98
C ASP D 41 0.62 29.86 8.09
N ALA D 42 0.66 30.38 9.32
CA ALA D 42 0.18 31.72 9.63
C ALA D 42 0.74 32.78 8.67
N GLU D 43 2.07 32.85 8.58
CA GLU D 43 2.77 33.76 7.68
C GLU D 43 2.44 33.45 6.22
N PHE D 44 2.58 32.17 5.87
CA PHE D 44 2.32 31.68 4.52
C PHE D 44 0.94 32.10 4.04
N MET D 45 -0.03 32.03 4.94
CA MET D 45 -1.39 32.32 4.59
C MET D 45 -1.63 33.83 4.53
N ASP D 46 -0.72 34.58 5.16
CA ASP D 46 -0.88 36.04 5.29
C ASP D 46 -0.11 36.78 4.20
N ALA D 47 0.84 36.10 3.56
CA ALA D 47 1.71 36.75 2.57
C ALA D 47 1.04 37.19 1.27
N ASP D 48 1.60 38.27 0.72
CA ASP D 48 1.25 38.71 -0.61
C ASP D 48 1.75 37.70 -1.59
N PHE D 49 0.91 37.42 -2.58
CA PHE D 49 1.26 36.55 -3.69
C PHE D 49 2.66 36.82 -4.27
N PHE D 50 2.90 38.06 -4.70
CA PHE D 50 4.16 38.42 -5.36
C PHE D 50 5.36 38.42 -4.43
N SER D 51 5.12 38.69 -3.15
CA SER D 51 6.16 38.65 -2.13
C SER D 51 6.71 37.22 -1.96
N LEU D 52 5.80 36.25 -1.90
CA LEU D 52 6.11 34.84 -1.76
C LEU D 52 6.84 34.33 -3.00
N GLN D 53 6.25 34.58 -4.16
CA GLN D 53 6.83 34.15 -5.43
C GLN D 53 8.25 34.66 -5.60
N ASN D 54 8.45 35.96 -5.39
CA ASN D 54 9.75 36.59 -5.47
C ASN D 54 10.79 36.01 -4.50
N ASP D 55 10.39 35.81 -3.24
CA ASP D 55 11.33 35.39 -2.19
C ASP D 55 10.59 34.77 -1.01
N ALA D 56 10.18 33.52 -1.15
CA ALA D 56 9.50 32.83 -0.06
C ALA D 56 10.37 32.70 1.19
N LYS D 57 11.66 32.39 0.99
CA LYS D 57 12.55 32.04 2.10
C LYS D 57 12.90 33.21 3.04
N SER D 58 12.64 34.44 2.58
CA SER D 58 12.80 35.63 3.40
C SER D 58 11.46 36.19 3.91
N VAL D 59 10.37 35.67 3.36
CA VAL D 59 9.02 36.03 3.83
C VAL D 59 8.64 35.10 4.98
N LEU D 60 9.21 33.90 4.99
CA LEU D 60 8.78 32.84 5.90
C LEU D 60 9.85 32.42 6.91
N GLY D 61 11.09 32.81 6.65
CA GLY D 61 12.21 32.55 7.57
C GLY D 61 12.42 31.08 7.87
N ASN D 62 12.61 30.76 9.16
CA ASN D 62 12.77 29.38 9.63
C ASN D 62 11.45 28.70 10.07
N SER D 63 10.34 29.15 9.49
CA SER D 63 9.06 28.43 9.55
C SER D 63 8.80 27.63 8.25
N LEU D 64 9.50 27.99 7.16
CA LEU D 64 9.56 27.17 5.94
C LEU D 64 10.63 26.09 6.11
N LEU D 65 10.20 24.83 6.20
CA LEU D 65 11.12 23.69 6.42
C LEU D 65 11.83 23.20 5.14
N ASP D 66 11.05 23.01 4.08
CA ASP D 66 11.59 22.72 2.74
C ASP D 66 10.56 23.11 1.68
N SER D 67 11.05 23.28 0.46
CA SER D 67 10.24 23.68 -0.69
C SER D 67 10.50 22.74 -1.87
N ASP D 68 9.46 22.49 -2.68
CA ASP D 68 9.59 21.78 -3.97
C ASP D 68 8.76 22.47 -5.06
N GLN D 69 8.58 21.80 -6.21
CA GLN D 69 7.94 22.44 -7.34
C GLN D 69 7.80 21.56 -8.59
N PHE D 70 6.81 21.94 -9.42
CA PHE D 70 6.58 21.40 -10.76
C PHE D 70 5.80 22.32 -11.72
N PHE D 71 5.10 21.72 -12.67
CA PHE D 71 4.16 22.41 -13.59
C PHE D 71 2.96 21.51 -13.93
N LEU D 72 1.81 22.09 -14.23
CA LEU D 72 0.65 21.33 -14.72
C LEU D 72 0.19 21.82 -16.07
N THR D 73 -0.10 20.90 -16.96
CA THR D 73 -0.59 21.21 -18.30
C THR D 73 -2.12 21.15 -18.31
N PRO D 74 -2.77 22.02 -19.12
CA PRO D 74 -4.24 21.95 -19.28
C PRO D 74 -4.74 20.55 -19.58
N GLY D 75 -5.55 20.00 -18.67
CA GLY D 75 -6.19 18.69 -18.90
C GLY D 75 -5.30 17.51 -18.50
N GLN D 76 -4.24 17.80 -17.75
CA GLN D 76 -3.36 16.77 -17.24
C GLN D 76 -3.90 16.19 -15.93
N THR D 77 -3.65 14.91 -15.72
CA THR D 77 -4.36 14.15 -14.71
C THR D 77 -3.43 13.19 -13.91
N GLY D 78 -3.61 13.14 -12.59
CA GLY D 78 -2.84 12.20 -11.74
C GLY D 78 -1.33 12.43 -11.70
N LYS D 79 -0.91 13.69 -11.67
CA LYS D 79 0.51 13.99 -11.56
C LYS D 79 0.84 13.92 -10.07
N LYS D 80 1.79 13.04 -9.71
CA LYS D 80 2.12 12.84 -8.30
C LYS D 80 3.44 13.51 -7.92
N LEU D 81 3.37 14.32 -6.87
CA LEU D 81 4.56 14.89 -6.24
C LEU D 81 4.53 14.55 -4.78
N GLY D 82 5.65 14.00 -4.30
CA GLY D 82 5.73 13.64 -2.90
C GLY D 82 7.14 13.72 -2.32
N GLY D 83 7.21 13.57 -1.01
CA GLY D 83 8.45 13.61 -0.28
C GLY D 83 8.34 13.18 1.18
N GLN D 84 9.44 13.31 1.90
CA GLN D 84 9.46 12.99 3.31
C GLN D 84 8.89 14.13 4.15
N SER D 85 8.18 13.78 5.21
CA SER D 85 7.71 14.76 6.19
C SER D 85 8.83 15.10 7.19
N ALA D 86 8.56 15.97 8.16
CA ALA D 86 9.64 16.39 9.04
C ALA D 86 9.29 16.50 10.52
N LEU D 87 10.35 16.57 11.34
CA LEU D 87 10.26 16.99 12.73
C LEU D 87 10.76 18.44 12.81
N ASP D 88 9.85 19.39 13.02
CA ASP D 88 8.42 19.13 13.11
C ASP D 88 7.66 20.05 12.19
N ALA D 89 7.24 19.52 11.03
CA ALA D 89 6.30 20.20 10.16
C ALA D 89 4.89 20.03 10.71
N ARG D 90 4.00 20.95 10.36
CA ARG D 90 2.63 20.89 10.86
C ARG D 90 1.62 21.12 9.74
N TYR D 91 2.12 21.63 8.61
CA TYR D 91 1.29 22.05 7.52
C TYR D 91 2.06 21.75 6.24
N ILE D 92 1.34 21.46 5.16
CA ILE D 92 1.89 21.44 3.80
C ILE D 92 1.12 22.51 3.04
N GLY D 93 1.81 23.59 2.70
CA GLY D 93 1.16 24.67 1.98
C GLY D 93 1.35 24.47 0.49
N VAL D 94 0.30 24.76 -0.28
CA VAL D 94 0.35 24.65 -1.76
C VAL D 94 0.08 26.02 -2.37
N ILE D 95 1.01 26.46 -3.23
CA ILE D 95 0.84 27.67 -4.04
C ILE D 95 0.61 27.25 -5.48
N ALA D 96 -0.45 27.79 -6.07
CA ALA D 96 -0.66 27.74 -7.52
C ALA D 96 -0.47 29.17 -8.08
N GLU D 97 0.55 29.36 -8.91
CA GLU D 97 0.87 30.70 -9.47
C GLU D 97 0.03 31.01 -10.71
N TYR D 98 -1.26 31.26 -10.49
CA TYR D 98 -2.26 31.67 -11.52
C TYR D 98 -1.94 33.08 -12.04
N GLN D 99 -2.45 33.43 -13.22
CA GLN D 99 -2.11 34.71 -13.85
C GLN D 99 -2.93 35.88 -13.30
N ASN D 100 -4.24 35.84 -13.48
CA ASN D 100 -5.18 36.70 -12.74
C ASN D 100 -5.95 35.89 -11.71
N LEU D 101 -6.15 36.47 -10.53
CA LEU D 101 -6.76 35.77 -9.42
C LEU D 101 -8.30 35.92 -9.35
N ASP D 102 -8.89 36.60 -10.33
CA ASP D 102 -10.33 36.94 -10.33
C ASP D 102 -11.24 35.73 -10.17
N GLY D 103 -11.72 35.52 -8.95
CA GLY D 103 -12.61 34.39 -8.64
C GLY D 103 -11.90 33.04 -8.57
N LYS D 104 -10.57 33.09 -8.39
CA LYS D 104 -9.73 31.90 -8.30
C LYS D 104 -9.00 31.81 -6.95
N THR D 105 -9.11 30.67 -6.31
CA THR D 105 -8.42 30.41 -5.04
C THR D 105 -7.05 29.74 -5.34
N TRP D 106 -5.96 30.38 -4.90
CA TRP D 106 -4.57 30.11 -5.38
C TRP D 106 -3.65 29.57 -4.33
N ARG D 107 -4.19 29.29 -3.15
CA ARG D 107 -3.33 28.90 -2.08
C ARG D 107 -4.13 28.02 -1.13
N ILE D 108 -3.55 26.89 -0.73
CA ILE D 108 -4.19 26.02 0.25
C ILE D 108 -3.18 25.54 1.27
N SER D 109 -3.66 25.26 2.47
CA SER D 109 -2.81 24.83 3.57
C SER D 109 -3.33 23.51 4.17
N LEU D 110 -2.69 22.41 3.80
CA LEU D 110 -3.06 21.08 4.27
C LEU D 110 -2.34 20.79 5.57
N PRO D 111 -3.07 20.81 6.69
CA PRO D 111 -2.39 20.58 7.95
C PRO D 111 -2.02 19.11 8.09
N LEU D 112 -0.72 18.84 8.21
CA LEU D 112 -0.22 17.51 8.51
C LEU D 112 -0.70 17.12 9.89
N PRO D 113 -1.02 15.82 10.11
CA PRO D 113 -1.39 15.38 11.45
C PRO D 113 -0.28 15.66 12.47
N GLU D 114 -0.69 15.85 13.73
CA GLU D 114 0.20 16.14 14.84
C GLU D 114 0.33 14.92 15.76
N PRO D 115 1.43 14.83 16.55
CA PRO D 115 1.85 13.72 17.42
C PRO D 115 0.76 12.76 17.94
N THR D 116 -0.34 13.32 18.45
CA THR D 116 -1.38 12.55 19.13
C THR D 116 -2.55 12.07 18.24
N GLU D 117 -2.71 12.65 17.06
CA GLU D 117 -3.74 12.22 16.11
C GLU D 117 -3.32 10.97 15.33
N THR D 118 -2.02 10.73 15.26
CA THR D 118 -1.47 9.50 14.71
C THR D 118 -0.91 8.65 15.85
N ASN D 119 -1.70 8.57 16.92
CA ASN D 119 -1.31 7.79 18.09
C ASN D 119 -1.66 6.31 17.93
N PHE D 120 -2.50 6.01 16.95
CA PHE D 120 -2.81 4.63 16.58
C PHE D 120 -1.59 3.92 15.96
N TYR D 121 -0.69 4.71 15.37
CA TYR D 121 0.57 4.20 14.82
C TYR D 121 1.47 3.53 15.87
N LYS D 122 1.18 3.72 17.15
CA LYS D 122 1.88 3.00 18.21
C LYS D 122 1.34 1.57 18.29
N VAL D 123 0.04 1.43 18.05
CA VAL D 123 -0.62 0.12 18.04
C VAL D 123 -0.42 -0.52 16.66
N TRP D 124 -0.81 0.22 15.63
CA TRP D 124 -0.84 -0.25 14.24
C TRP D 124 0.42 0.09 13.52
N GLN D 125 1.49 -0.62 13.92
CA GLN D 125 2.87 -0.29 13.54
C GLN D 125 3.14 -0.32 12.03
N PHE D 126 2.52 -1.27 11.32
CA PHE D 126 2.79 -1.51 9.90
C PHE D 126 1.73 -0.92 8.94
N SER D 127 0.91 0.01 9.42
CA SER D 127 -0.12 0.69 8.59
C SER D 127 0.60 1.57 7.57
N PRO D 128 0.18 1.51 6.30
CA PRO D 128 0.92 2.21 5.23
C PRO D 128 1.31 3.65 5.59
N ASP D 129 2.54 4.04 5.23
CA ASP D 129 3.16 5.19 5.85
C ASP D 129 3.31 6.41 4.95
N GLU D 130 2.33 6.62 4.08
CA GLU D 130 2.35 7.79 3.22
C GLU D 130 0.96 8.41 3.17
N LEU D 131 0.86 9.63 3.69
CA LEU D 131 -0.33 10.45 3.56
C LEU D 131 -0.50 10.84 2.10
N GLU D 132 -1.73 10.83 1.60
CA GLU D 132 -1.96 11.25 0.23
C GLU D 132 -3.20 12.13 0.12
N ALA D 133 -3.11 13.17 -0.70
CA ALA D 133 -4.26 14.05 -1.00
C ALA D 133 -4.31 14.30 -2.48
N HIS D 134 -5.51 14.55 -2.99
CA HIS D 134 -5.72 14.73 -4.42
C HIS D 134 -6.17 16.16 -4.65
N ILE D 135 -5.70 16.78 -5.73
CA ILE D 135 -5.97 18.20 -5.99
C ILE D 135 -6.26 18.47 -7.47
N VAL D 136 -7.37 19.16 -7.74
CA VAL D 136 -7.66 19.63 -9.10
C VAL D 136 -7.24 21.11 -9.23
N ALA D 137 -6.58 21.45 -10.34
CA ALA D 137 -6.41 22.85 -10.71
C ALA D 137 -7.58 23.15 -11.66
N GLY D 138 -8.58 23.82 -11.10
CA GLY D 138 -9.80 24.13 -11.82
C GLY D 138 -9.83 25.54 -12.35
N VAL D 139 -10.77 25.78 -13.25
CA VAL D 139 -11.02 27.13 -13.75
C VAL D 139 -11.24 28.12 -12.60
N SER D 140 -11.84 27.62 -11.51
CA SER D 140 -12.18 28.42 -10.31
C SER D 140 -11.07 28.50 -9.26
N GLY D 141 -9.94 27.86 -9.54
CA GLY D 141 -8.86 27.80 -8.57
C GLY D 141 -8.53 26.39 -8.12
N LEU D 142 -7.93 26.30 -6.94
CA LEU D 142 -7.49 25.01 -6.41
C LEU D 142 -8.57 24.32 -5.58
N ARG D 143 -9.11 23.20 -6.08
CA ARG D 143 -10.03 22.37 -5.27
C ARG D 143 -9.45 21.03 -4.73
N PRO D 144 -9.47 20.85 -3.40
CA PRO D 144 -9.05 19.64 -2.72
C PRO D 144 -10.18 18.61 -2.73
N VAL D 145 -9.93 17.50 -3.42
CA VAL D 145 -10.92 16.46 -3.74
C VAL D 145 -11.31 15.54 -2.58
N LYS D 146 -12.42 14.83 -2.74
CA LYS D 146 -12.90 13.78 -1.82
C LYS D 146 -12.88 12.39 -2.47
N LYS D 147 -12.84 11.35 -1.64
CA LYS D 147 -12.89 9.94 -2.10
C LYS D 147 -14.35 9.50 -2.29
N VAL D 148 -14.55 8.29 -2.85
CA VAL D 148 -15.90 7.73 -3.05
C VAL D 148 -16.51 7.23 -1.74
NA NA E . -16.16 -15.27 12.59
C1 EDO F . 1.92 3.25 1.04
O1 EDO F . 2.75 2.79 2.11
C2 EDO F . 1.20 2.09 0.36
O2 EDO F . 0.71 1.15 1.32
#